data_4X3G
#
_entry.id   4X3G
#
_cell.length_a   41.343
_cell.length_b   88.092
_cell.length_c   59.590
_cell.angle_alpha   90.000
_cell.angle_beta   103.240
_cell.angle_gamma   90.000
#
_symmetry.space_group_name_H-M   'P 1 21 1'
#
loop_
_entity.id
_entity.type
_entity.pdbx_description
1 polymer 'E3 ubiquitin-protein ligase SIAH1'
2 polymer 'Ubiquitin carboxyl-terminal hydrolase 19'
3 non-polymer 'ZINC ION'
4 water water
#
loop_
_entity_poly.entity_id
_entity_poly.type
_entity_poly.pdbx_seq_one_letter_code
_entity_poly.pdbx_strand_id
1 'polypeptide(L)'
;GANSVLFPCKYASSGCEITLPHTEKADHEELCEFRPYSCPCPGASCKWQGSLDAVMPHLMHQHKSITTLQGEDIVFLATD
INLPGAVDWVMMQSCFGFHFMLVLEKQEKYDGHQQFFAIVQLIGTRKQAENFAYRLELNGHRRRLTWEATPRSIHEGIAT
AIMNSDCLVFDTSIAQLFAENGNLGINVTISMC
;
A,B
2 'polypeptide(L)' SPKPTCMVPPMPHS C,D
#
loop_
_chem_comp.id
_chem_comp.type
_chem_comp.name
_chem_comp.formula
ZN non-polymer 'ZINC ION' 'Zn 2'
#
# COMPACT_ATOMS: atom_id res chain seq x y z
N ALA A 2 -20.23 35.87 -23.22
CA ALA A 2 -20.87 36.66 -24.26
C ALA A 2 -22.21 37.23 -23.78
N ASN A 3 -22.37 38.57 -23.86
CA ASN A 3 -23.54 39.38 -23.44
C ASN A 3 -23.84 39.30 -21.92
N SER A 4 -23.19 38.37 -21.21
CA SER A 4 -23.35 38.16 -19.77
C SER A 4 -22.56 39.17 -18.94
N VAL A 5 -23.14 39.61 -17.81
CA VAL A 5 -22.58 40.57 -16.85
C VAL A 5 -21.38 39.92 -16.15
N LEU A 6 -20.25 40.66 -16.07
CA LEU A 6 -19.01 40.18 -15.45
C LEU A 6 -18.92 40.62 -13.97
N PHE A 7 -18.67 39.64 -13.09
CA PHE A 7 -18.54 39.85 -11.64
C PHE A 7 -17.08 39.76 -11.20
N PRO A 8 -16.61 40.62 -10.27
CA PRO A 8 -15.22 40.51 -9.80
C PRO A 8 -15.04 39.27 -8.90
N CYS A 9 -13.79 38.79 -8.77
CA CYS A 9 -13.44 37.64 -7.94
C CYS A 9 -13.67 37.96 -6.46
N LYS A 10 -13.93 36.92 -5.64
CA LYS A 10 -14.15 37.06 -4.18
C LYS A 10 -12.89 37.65 -3.50
N TYR A 11 -11.70 37.34 -4.06
CA TYR A 11 -10.41 37.78 -3.52
C TYR A 11 -9.82 38.96 -4.33
N ALA A 12 -10.70 39.80 -4.94
CA ALA A 12 -10.30 40.99 -5.69
C ALA A 12 -9.71 42.04 -4.76
N SER A 13 -10.13 42.01 -3.47
CA SER A 13 -9.65 42.87 -2.40
C SER A 13 -8.21 42.48 -2.01
N SER A 14 -7.83 41.21 -2.24
CA SER A 14 -6.50 40.66 -1.93
C SER A 14 -5.51 40.85 -3.11
N GLY A 15 -6.02 41.23 -4.29
CA GLY A 15 -5.19 41.47 -5.46
C GLY A 15 -5.54 40.76 -6.76
N CYS A 16 -6.69 40.05 -6.81
CA CYS A 16 -7.10 39.37 -8.04
C CYS A 16 -7.70 40.37 -9.02
N GLU A 17 -7.09 40.46 -10.22
CA GLU A 17 -7.47 41.39 -11.29
C GLU A 17 -8.28 40.67 -12.40
N ILE A 18 -9.05 39.63 -12.02
CA ILE A 18 -9.85 38.85 -12.95
C ILE A 18 -11.36 39.07 -12.68
N THR A 19 -12.13 39.37 -13.73
CA THR A 19 -13.58 39.58 -13.67
C THR A 19 -14.25 38.50 -14.56
N LEU A 20 -15.18 37.71 -13.97
CA LEU A 20 -15.84 36.58 -14.65
C LEU A 20 -17.38 36.59 -14.48
N PRO A 21 -18.18 35.95 -15.38
CA PRO A 21 -19.64 35.91 -15.18
C PRO A 21 -20.04 34.97 -14.03
N HIS A 22 -21.29 35.11 -13.52
CA HIS A 22 -21.85 34.37 -12.39
C HIS A 22 -21.57 32.85 -12.40
N THR A 23 -21.65 32.19 -13.57
CA THR A 23 -21.44 30.74 -13.72
C THR A 23 -19.95 30.36 -13.55
N GLU A 24 -19.04 31.01 -14.30
CA GLU A 24 -17.61 30.74 -14.30
C GLU A 24 -16.89 31.20 -13.01
N LYS A 25 -17.54 32.10 -12.24
CA LYS A 25 -17.04 32.71 -11.00
C LYS A 25 -16.64 31.67 -9.93
N ALA A 26 -17.49 30.66 -9.68
CA ALA A 26 -17.27 29.62 -8.66
C ALA A 26 -16.06 28.73 -8.97
N ASP A 27 -15.90 28.29 -10.23
CA ASP A 27 -14.82 27.41 -10.69
C ASP A 27 -13.42 28.03 -10.55
N HIS A 28 -13.31 29.36 -10.72
CA HIS A 28 -12.03 30.08 -10.62
C HIS A 28 -11.63 30.32 -9.17
N GLU A 29 -12.57 30.80 -8.32
CA GLU A 29 -12.37 31.13 -6.91
C GLU A 29 -11.77 29.95 -6.10
N GLU A 30 -11.94 28.71 -6.59
CA GLU A 30 -11.40 27.50 -5.97
C GLU A 30 -9.91 27.36 -6.34
N LEU A 31 -9.55 27.67 -7.60
CA LEU A 31 -8.20 27.57 -8.16
C LEU A 31 -7.45 28.92 -8.14
N CYS A 32 -8.05 29.96 -7.52
CA CYS A 32 -7.50 31.32 -7.42
C CYS A 32 -6.23 31.36 -6.57
N GLU A 33 -5.20 32.08 -7.07
CA GLU A 33 -3.91 32.22 -6.39
C GLU A 33 -3.98 33.21 -5.21
N PHE A 34 -5.00 34.10 -5.20
CA PHE A 34 -5.19 35.11 -4.18
C PHE A 34 -6.08 34.63 -3.02
N ARG A 35 -6.47 33.35 -3.06
CA ARG A 35 -7.29 32.68 -2.04
C ARG A 35 -6.44 32.47 -0.78
N PRO A 36 -6.95 32.81 0.44
CA PRO A 36 -6.13 32.62 1.66
C PRO A 36 -5.81 31.17 1.96
N TYR A 37 -4.58 30.92 2.42
CA TYR A 37 -4.07 29.60 2.79
C TYR A 37 -4.52 29.27 4.21
N SER A 38 -5.10 28.07 4.41
CA SER A 38 -5.56 27.61 5.72
C SER A 38 -4.37 26.98 6.48
N CYS A 39 -4.52 26.69 7.78
CA CYS A 39 -3.46 26.07 8.57
C CYS A 39 -3.21 24.64 8.06
N PRO A 40 -1.95 24.29 7.70
CA PRO A 40 -1.69 22.96 7.15
C PRO A 40 -1.68 21.83 8.19
N CYS A 41 -1.66 22.17 9.51
CA CYS A 41 -1.63 21.20 10.60
C CYS A 41 -2.88 20.31 10.61
N PRO A 42 -2.72 18.96 10.72
CA PRO A 42 -3.89 18.06 10.72
C PRO A 42 -4.77 18.19 11.97
N ALA A 44 -8.18 19.88 13.02
CA ALA A 44 -9.46 20.54 13.28
C ALA A 44 -9.39 21.51 14.47
N SER A 45 -8.33 21.39 15.31
CA SER A 45 -8.10 22.22 16.49
C SER A 45 -7.76 23.68 16.12
N CYS A 46 -6.89 23.87 15.10
CA CYS A 46 -6.51 25.20 14.60
C CYS A 46 -7.34 25.57 13.37
N LYS A 47 -7.92 26.79 13.37
CA LYS A 47 -8.76 27.30 12.28
C LYS A 47 -8.16 28.60 11.68
N TRP A 48 -6.83 28.75 11.76
CA TRP A 48 -6.10 29.91 11.25
C TRP A 48 -6.09 29.95 9.71
N GLN A 49 -6.08 31.17 9.15
CA GLN A 49 -5.99 31.48 7.73
C GLN A 49 -5.10 32.72 7.53
N GLY A 50 -4.53 32.83 6.34
CA GLY A 50 -3.65 33.93 5.94
C GLY A 50 -2.95 33.66 4.63
N SER A 51 -2.01 34.53 4.24
CA SER A 51 -1.23 34.39 3.00
C SER A 51 -0.19 33.26 3.13
N LEU A 52 0.41 32.82 1.99
CA LEU A 52 1.44 31.76 1.96
C LEU A 52 2.72 32.21 2.69
N ASP A 53 3.08 33.50 2.58
CA ASP A 53 4.25 34.12 3.22
C ASP A 53 4.13 34.12 4.75
N ALA A 54 2.89 33.96 5.27
CA ALA A 54 2.58 33.94 6.69
C ALA A 54 2.42 32.51 7.25
N VAL A 55 2.65 31.47 6.41
CA VAL A 55 2.50 30.07 6.81
C VAL A 55 3.67 29.64 7.71
N MET A 56 4.93 29.78 7.25
CA MET A 56 6.09 29.39 8.04
C MET A 56 6.14 30.16 9.39
N PRO A 57 5.95 31.51 9.48
CA PRO A 57 5.94 32.15 10.81
C PRO A 57 4.82 31.63 11.72
N HIS A 58 3.63 31.32 11.16
CA HIS A 58 2.48 30.79 11.92
C HIS A 58 2.81 29.45 12.58
N LEU A 59 3.50 28.55 11.85
CA LEU A 59 3.91 27.24 12.35
C LEU A 59 5.00 27.36 13.40
N MET A 60 5.91 28.34 13.25
CA MET A 60 7.02 28.59 14.19
C MET A 60 6.52 29.11 15.54
N HIS A 61 5.41 29.88 15.53
CA HIS A 61 4.83 30.50 16.71
C HIS A 61 3.73 29.68 17.38
N GLN A 62 2.70 29.25 16.61
CA GLN A 62 1.52 28.56 17.15
C GLN A 62 1.66 27.04 17.25
N HIS A 63 2.70 26.45 16.60
CA HIS A 63 2.94 25.00 16.59
C HIS A 63 4.43 24.72 16.76
N LYS A 64 5.02 25.25 17.85
CA LYS A 64 6.45 25.13 18.20
C LYS A 64 6.91 23.67 18.36
N SER A 65 5.98 22.76 18.74
CA SER A 65 6.23 21.34 18.94
C SER A 65 6.58 20.58 17.64
N ILE A 66 6.26 21.16 16.47
CA ILE A 66 6.58 20.55 15.16
C ILE A 66 8.05 20.80 14.87
N THR A 67 8.82 19.70 14.71
CA THR A 67 10.26 19.75 14.45
C THR A 67 10.55 19.66 12.97
N THR A 68 11.67 20.29 12.53
CA THR A 68 12.08 20.30 11.13
C THR A 68 13.42 19.57 10.97
N LEU A 69 13.45 18.59 10.06
CA LEU A 69 14.64 17.82 9.75
C LEU A 69 15.21 18.27 8.41
N GLN A 70 16.54 18.37 8.33
CA GLN A 70 17.25 18.75 7.11
C GLN A 70 17.65 17.48 6.36
N GLY A 71 17.31 17.42 5.07
CA GLY A 71 17.63 16.28 4.22
C GLY A 71 16.49 15.85 3.32
N GLU A 72 16.83 15.43 2.09
CA GLU A 72 15.86 14.95 1.09
C GLU A 72 15.41 13.51 1.40
N ASP A 73 16.24 12.75 2.14
CA ASP A 73 15.93 11.38 2.55
C ASP A 73 16.06 11.26 4.07
N ILE A 74 14.91 11.20 4.77
CA ILE A 74 14.85 11.12 6.24
C ILE A 74 14.01 9.92 6.71
N VAL A 75 13.91 9.72 8.04
CA VAL A 75 13.12 8.67 8.68
C VAL A 75 12.13 9.33 9.65
N PHE A 76 10.83 9.12 9.37
CA PHE A 76 9.71 9.62 10.19
C PHE A 76 9.34 8.47 11.11
N LEU A 77 9.86 8.49 12.35
CA LEU A 77 9.59 7.43 13.33
C LEU A 77 8.43 7.89 14.24
N ALA A 78 7.20 7.50 13.85
CA ALA A 78 5.97 7.83 14.58
C ALA A 78 5.83 6.88 15.77
N THR A 79 5.92 7.43 16.99
CA THR A 79 5.89 6.66 18.22
C THR A 79 4.47 6.48 18.75
N ASP A 80 4.23 5.33 19.45
CA ASP A 80 2.96 4.91 20.07
C ASP A 80 1.84 4.81 19.03
N ILE A 81 2.02 3.91 18.04
CA ILE A 81 1.05 3.71 16.96
C ILE A 81 -0.15 2.85 17.44
N ASN A 82 0.03 2.08 18.53
CA ASN A 82 -1.01 1.23 19.12
C ASN A 82 -1.82 1.97 20.19
N LEU A 83 -1.45 3.23 20.50
CA LEU A 83 -2.08 4.10 21.51
C LEU A 83 -3.61 4.19 21.31
N PRO A 84 -4.43 4.06 22.38
CA PRO A 84 -5.90 4.07 22.20
C PRO A 84 -6.44 5.38 21.61
N GLY A 85 -7.28 5.24 20.58
CA GLY A 85 -7.94 6.34 19.89
C GLY A 85 -7.32 6.75 18.56
N ALA A 86 -7.98 7.71 17.89
CA ALA A 86 -7.57 8.27 16.60
C ALA A 86 -6.59 9.42 16.83
N VAL A 87 -5.31 9.26 16.41
CA VAL A 87 -4.29 10.29 16.62
C VAL A 87 -3.64 10.78 15.30
N ASP A 88 -2.78 11.81 15.43
CA ASP A 88 -2.06 12.45 14.31
C ASP A 88 -0.59 12.63 14.67
N TRP A 89 0.27 12.48 13.66
CA TRP A 89 1.72 12.66 13.74
C TRP A 89 2.10 13.63 12.63
N VAL A 90 2.85 14.68 12.98
CA VAL A 90 3.27 15.71 12.01
C VAL A 90 4.70 16.20 12.32
N MET A 91 5.45 16.47 11.24
CA MET A 91 6.82 17.00 11.23
C MET A 91 7.06 17.71 9.88
N MET A 92 8.19 18.41 9.74
CA MET A 92 8.50 19.08 8.49
C MET A 92 9.83 18.64 7.93
N GLN A 93 9.92 18.66 6.60
CA GLN A 93 11.11 18.28 5.87
C GLN A 93 11.60 19.47 5.06
N SER A 94 12.86 19.85 5.31
CA SER A 94 13.52 20.97 4.65
C SER A 94 14.53 20.43 3.66
N CYS A 95 14.23 20.59 2.35
CA CYS A 95 15.07 20.19 1.22
C CYS A 95 14.65 20.95 -0.05
N PHE A 96 15.60 21.14 -0.97
CA PHE A 96 15.49 21.83 -2.26
C PHE A 96 15.08 23.31 -2.11
N GLY A 97 15.30 23.87 -0.90
CA GLY A 97 14.98 25.25 -0.56
C GLY A 97 13.52 25.47 -0.24
N PHE A 98 12.80 24.37 0.06
CA PHE A 98 11.38 24.37 0.36
C PHE A 98 11.08 23.56 1.63
N HIS A 99 9.90 23.79 2.20
CA HIS A 99 9.42 23.08 3.39
C HIS A 99 8.23 22.19 3.03
N PHE A 100 8.27 20.96 3.50
CA PHE A 100 7.24 19.96 3.26
C PHE A 100 6.63 19.50 4.58
N MET A 101 5.31 19.33 4.61
CA MET A 101 4.62 18.85 5.80
C MET A 101 4.35 17.36 5.63
N LEU A 102 4.89 16.55 6.55
CA LEU A 102 4.73 15.09 6.55
C LEU A 102 3.67 14.75 7.61
N VAL A 103 2.58 14.08 7.22
CA VAL A 103 1.47 13.80 8.14
C VAL A 103 1.09 12.31 8.15
N LEU A 104 0.98 11.72 9.35
CA LEU A 104 0.48 10.36 9.56
C LEU A 104 -0.82 10.49 10.38
N GLU A 105 -1.96 10.12 9.77
CA GLU A 105 -3.29 10.22 10.35
C GLU A 105 -3.89 8.85 10.66
N LYS A 106 -4.27 8.64 11.92
CA LYS A 106 -4.90 7.41 12.39
C LYS A 106 -6.40 7.67 12.51
N GLN A 107 -7.22 6.96 11.71
CA GLN A 107 -8.67 7.13 11.71
C GLN A 107 -9.38 5.85 12.14
N GLU A 108 -10.49 6.01 12.89
CA GLU A 108 -11.31 4.89 13.39
C GLU A 108 -11.97 4.17 12.21
N LYS A 109 -11.71 2.86 12.10
CA LYS A 109 -12.22 2.01 11.02
C LYS A 109 -13.31 1.06 11.54
N TYR A 110 -14.21 0.62 10.63
CA TYR A 110 -15.31 -0.30 10.90
C TYR A 110 -14.80 -1.70 11.23
N GLN A 114 -8.37 -0.19 13.03
CA GLN A 114 -8.09 1.21 12.70
C GLN A 114 -7.30 1.33 11.38
N GLN A 115 -7.40 2.49 10.71
CA GLN A 115 -6.74 2.75 9.43
C GLN A 115 -5.78 3.92 9.53
N PHE A 116 -4.69 3.87 8.74
CA PHE A 116 -3.62 4.87 8.68
C PHE A 116 -3.52 5.51 7.30
N PHE A 117 -3.21 6.83 7.28
CA PHE A 117 -3.05 7.63 6.08
C PHE A 117 -1.79 8.48 6.19
N ALA A 118 -0.82 8.27 5.30
CA ALA A 118 0.43 9.02 5.27
C ALA A 118 0.53 9.79 3.97
N ILE A 119 0.79 11.10 4.06
CA ILE A 119 0.84 12.01 2.91
C ILE A 119 1.83 13.18 3.15
N VAL A 120 2.31 13.76 2.05
CA VAL A 120 3.27 14.88 2.03
C VAL A 120 2.66 16.04 1.26
N GLN A 121 2.77 17.25 1.85
CA GLN A 121 2.29 18.51 1.28
C GLN A 121 3.47 19.45 1.12
N LEU A 122 3.46 20.27 0.06
CA LEU A 122 4.50 21.28 -0.11
C LEU A 122 3.98 22.63 0.38
N ILE A 123 4.79 23.34 1.20
CA ILE A 123 4.44 24.70 1.61
C ILE A 123 4.84 25.56 0.40
N GLY A 124 3.85 25.80 -0.45
CA GLY A 124 3.97 26.53 -1.70
C GLY A 124 2.71 26.41 -2.53
N THR A 125 2.72 27.00 -3.73
CA THR A 125 1.60 27.01 -4.66
C THR A 125 1.39 25.64 -5.34
N ARG A 126 0.29 25.51 -6.11
CA ARG A 126 -0.08 24.30 -6.84
C ARG A 126 0.92 24.02 -7.96
N LYS A 127 1.38 25.08 -8.66
CA LYS A 127 2.36 25.01 -9.75
C LYS A 127 3.74 24.57 -9.24
N GLN A 128 4.12 25.01 -8.03
CA GLN A 128 5.40 24.68 -7.39
C GLN A 128 5.51 23.20 -7.00
N ALA A 129 4.36 22.55 -6.68
CA ALA A 129 4.26 21.14 -6.25
C ALA A 129 4.47 20.14 -7.39
N GLU A 130 4.20 20.56 -8.65
CA GLU A 130 4.37 19.77 -9.88
C GLU A 130 5.83 19.40 -10.11
N ASN A 131 6.76 20.25 -9.66
CA ASN A 131 8.21 20.08 -9.82
C ASN A 131 8.80 19.09 -8.80
N PHE A 132 7.96 18.54 -7.91
CA PHE A 132 8.44 17.60 -6.90
C PHE A 132 7.70 16.27 -6.95
N ALA A 133 8.29 15.28 -6.29
CA ALA A 133 7.79 13.93 -6.13
C ALA A 133 8.19 13.47 -4.73
N TYR A 134 7.37 12.62 -4.11
CA TYR A 134 7.70 12.09 -2.80
C TYR A 134 7.50 10.58 -2.76
N ARG A 135 8.32 9.90 -1.94
CA ARG A 135 8.27 8.46 -1.75
C ARG A 135 8.15 8.13 -0.26
N LEU A 136 7.19 7.27 0.09
CA LEU A 136 6.95 6.82 1.46
C LEU A 136 7.16 5.33 1.53
N GLU A 137 8.03 4.85 2.42
CA GLU A 137 8.20 3.40 2.49
C GLU A 137 8.30 2.88 3.91
N LEU A 138 7.61 1.75 4.15
CA LEU A 138 7.62 1.03 5.40
C LEU A 138 8.56 -0.15 5.12
N ASN A 139 9.62 -0.32 5.93
N ASN A 139 9.59 -0.32 5.96
CA ASN A 139 10.60 -1.40 5.71
CA ASN A 139 10.61 -1.36 5.81
C ASN A 139 10.71 -2.31 6.93
C ASN A 139 10.61 -2.33 6.98
N GLY A 140 10.87 -3.60 6.65
CA GLY A 140 10.99 -4.68 7.62
C GLY A 140 11.88 -5.76 7.04
N HIS A 141 11.95 -6.92 7.72
CA HIS A 141 12.74 -8.03 7.19
C HIS A 141 11.94 -8.76 6.13
N ARG A 142 12.47 -8.79 4.88
CA ARG A 142 11.90 -9.42 3.69
C ARG A 142 10.50 -8.85 3.36
N ARG A 143 10.31 -7.53 3.64
CA ARG A 143 9.06 -6.78 3.45
C ARG A 143 9.34 -5.30 3.18
N ARG A 144 8.57 -4.70 2.26
CA ARG A 144 8.60 -3.28 1.92
C ARG A 144 7.29 -2.87 1.23
N LEU A 145 6.67 -1.78 1.73
CA LEU A 145 5.47 -1.18 1.19
C LEU A 145 5.85 0.25 0.81
N THR A 146 5.79 0.56 -0.49
CA THR A 146 6.19 1.86 -1.04
C THR A 146 5.01 2.57 -1.71
N TRP A 147 4.92 3.89 -1.48
CA TRP A 147 3.94 4.78 -2.13
C TRP A 147 4.69 5.98 -2.71
N GLU A 148 4.46 6.25 -4.01
CA GLU A 148 5.07 7.37 -4.73
C GLU A 148 3.97 8.20 -5.40
N ALA A 149 4.11 9.54 -5.33
CA ALA A 149 3.16 10.50 -5.91
C ALA A 149 3.75 11.90 -5.98
N THR A 150 2.96 12.84 -6.49
CA THR A 150 3.26 14.27 -6.56
C THR A 150 2.71 14.87 -5.26
N PRO A 151 3.51 15.66 -4.48
CA PRO A 151 2.96 16.24 -3.25
C PRO A 151 1.87 17.27 -3.53
N ARG A 152 0.84 17.30 -2.69
CA ARG A 152 -0.25 18.25 -2.82
C ARG A 152 0.21 19.60 -2.29
N SER A 153 -0.29 20.69 -2.87
CA SER A 153 0.02 22.03 -2.37
C SER A 153 -0.88 22.26 -1.15
N ILE A 154 -0.40 23.03 -0.16
CA ILE A 154 -1.19 23.34 1.04
C ILE A 154 -2.44 24.20 0.68
N HIS A 155 -2.43 24.81 -0.52
CA HIS A 155 -3.52 25.61 -1.06
C HIS A 155 -4.78 24.75 -1.26
N GLU A 156 -4.62 23.49 -1.72
CA GLU A 156 -5.73 22.56 -1.92
C GLU A 156 -5.94 21.62 -0.71
N GLY A 157 -4.88 21.42 0.08
CA GLY A 157 -4.90 20.61 1.30
C GLY A 157 -4.80 19.12 1.06
N ILE A 158 -5.15 18.32 2.10
CA ILE A 158 -5.10 16.84 2.08
C ILE A 158 -6.44 16.19 2.45
N ALA A 159 -7.46 16.98 2.83
CA ALA A 159 -8.77 16.46 3.23
C ALA A 159 -9.43 15.62 2.11
N THR A 160 -9.39 16.12 0.85
CA THR A 160 -9.97 15.43 -0.31
C THR A 160 -9.10 14.21 -0.68
N ALA A 161 -7.75 14.36 -0.62
CA ALA A 161 -6.76 13.31 -0.92
C ALA A 161 -6.91 12.08 -0.01
N ILE A 162 -7.04 12.30 1.32
CA ILE A 162 -7.21 11.23 2.33
C ILE A 162 -8.55 10.50 2.10
N MET A 163 -9.64 11.25 1.81
N MET A 163 -9.62 11.26 1.79
CA MET A 163 -10.97 10.70 1.54
CA MET A 163 -10.98 10.79 1.50
C MET A 163 -10.99 9.85 0.25
C MET A 163 -10.99 9.89 0.25
N ASN A 164 -10.12 10.19 -0.72
CA ASN A 164 -10.00 9.45 -1.99
C ASN A 164 -8.91 8.37 -1.85
N SER A 165 -8.23 8.28 -0.66
CA SER A 165 -7.14 7.37 -0.33
C SER A 165 -5.95 7.55 -1.30
N ASP A 166 -5.77 8.79 -1.79
CA ASP A 166 -4.73 9.18 -2.75
C ASP A 166 -3.46 9.51 -1.96
N CYS A 167 -2.97 8.52 -1.20
CA CYS A 167 -1.79 8.57 -0.32
C CYS A 167 -1.45 7.16 0.16
N LEU A 168 -0.41 6.99 1.02
CA LEU A 168 -0.07 5.68 1.58
C LEU A 168 -1.13 5.31 2.62
N VAL A 169 -1.92 4.26 2.31
CA VAL A 169 -3.03 3.78 3.14
C VAL A 169 -2.76 2.34 3.61
N PHE A 170 -2.86 2.12 4.95
CA PHE A 170 -2.66 0.81 5.59
C PHE A 170 -3.51 0.69 6.89
N ASP A 171 -3.70 -0.54 7.38
CA ASP A 171 -4.51 -0.80 8.58
C ASP A 171 -3.64 -1.18 9.81
N THR A 172 -4.27 -1.75 10.86
CA THR A 172 -3.57 -2.18 12.08
C THR A 172 -2.70 -3.42 11.78
N SER A 173 -3.21 -4.35 10.95
CA SER A 173 -2.54 -5.59 10.54
C SER A 173 -1.21 -5.33 9.84
N ILE A 174 -1.16 -4.34 8.92
CA ILE A 174 0.04 -3.94 8.19
C ILE A 174 1.01 -3.27 9.17
N ALA A 175 0.52 -2.28 9.95
CA ALA A 175 1.28 -1.52 10.95
C ALA A 175 2.08 -2.42 11.91
N GLN A 176 1.50 -3.53 12.39
CA GLN A 176 2.17 -4.45 13.32
C GLN A 176 3.29 -5.25 12.67
N LEU A 177 3.27 -5.42 11.32
CA LEU A 177 4.31 -6.13 10.59
C LEU A 177 5.59 -5.30 10.46
N PHE A 178 5.47 -3.96 10.49
CA PHE A 178 6.60 -3.03 10.33
C PHE A 178 6.90 -2.25 11.63
N ALA A 179 6.07 -2.44 12.68
CA ALA A 179 6.27 -1.76 13.97
C ALA A 179 7.39 -2.40 14.77
N GLU A 180 8.28 -1.55 15.31
CA GLU A 180 9.40 -1.96 16.14
C GLU A 180 9.27 -1.23 17.47
N ASN A 181 9.03 -2.00 18.56
N ASN A 181 9.03 -2.00 18.56
CA ASN A 181 8.85 -1.54 19.96
CA ASN A 181 8.84 -1.55 19.95
C ASN A 181 7.73 -0.47 20.04
C ASN A 181 7.72 -0.48 20.05
N GLY A 182 6.62 -0.74 19.36
CA GLY A 182 5.44 0.14 19.33
C GLY A 182 5.55 1.41 18.50
N ASN A 183 6.62 1.54 17.68
CA ASN A 183 6.87 2.71 16.83
C ASN A 183 6.97 2.28 15.38
N LEU A 184 6.38 3.09 14.48
CA LEU A 184 6.45 2.81 13.04
C LEU A 184 7.38 3.80 12.35
N GLY A 185 8.38 3.26 11.67
CA GLY A 185 9.36 4.03 10.90
C GLY A 185 8.99 4.16 9.43
N ILE A 186 8.64 5.38 9.00
CA ILE A 186 8.29 5.69 7.62
C ILE A 186 9.46 6.42 6.97
N ASN A 187 10.04 5.80 5.94
CA ASN A 187 11.14 6.39 5.17
C ASN A 187 10.53 7.41 4.21
N VAL A 188 10.95 8.68 4.29
CA VAL A 188 10.42 9.73 3.42
C VAL A 188 11.53 10.25 2.50
N THR A 189 11.32 10.15 1.19
CA THR A 189 12.26 10.61 0.17
C THR A 189 11.59 11.64 -0.73
N ILE A 190 12.11 12.86 -0.78
CA ILE A 190 11.59 13.94 -1.64
C ILE A 190 12.56 14.07 -2.80
N SER A 191 12.03 14.19 -4.01
CA SER A 191 12.85 14.33 -5.21
C SER A 191 12.26 15.37 -6.15
N MET A 192 13.11 16.00 -6.95
CA MET A 192 12.73 17.00 -7.95
C MET A 192 12.55 16.27 -9.26
N CYS A 193 11.39 16.43 -9.91
CA CYS A 193 11.12 15.78 -11.18
C CYS A 193 11.02 16.79 -12.34
N SER B 4 10.96 -40.29 28.95
CA SER B 4 10.25 -39.47 27.99
C SER B 4 9.60 -40.33 26.89
N VAL B 5 8.27 -40.27 26.78
CA VAL B 5 7.49 -41.03 25.80
C VAL B 5 7.57 -40.32 24.44
N LEU B 6 7.95 -41.05 23.37
CA LEU B 6 8.09 -40.53 22.02
C LEU B 6 6.93 -40.98 21.13
N PHE B 7 6.27 -40.00 20.46
CA PHE B 7 5.14 -40.24 19.56
C PHE B 7 5.56 -40.14 18.09
N PRO B 8 5.10 -41.04 17.19
CA PRO B 8 5.46 -40.90 15.77
C PRO B 8 4.59 -39.86 15.06
N CYS B 9 5.17 -39.19 14.03
CA CYS B 9 4.49 -38.17 13.23
C CYS B 9 3.27 -38.76 12.52
N LYS B 10 2.20 -37.95 12.35
CA LYS B 10 0.95 -38.38 11.70
C LYS B 10 1.15 -38.65 10.19
N TYR B 11 2.21 -38.10 9.59
CA TYR B 11 2.53 -38.27 8.18
C TYR B 11 3.60 -39.37 7.99
N ALA B 12 3.57 -40.41 8.86
CA ALA B 12 4.49 -41.55 8.84
C ALA B 12 4.22 -42.45 7.63
N SER B 13 2.95 -42.52 7.20
CA SER B 13 2.51 -43.31 6.05
C SER B 13 3.03 -42.71 4.72
N SER B 14 3.29 -41.38 4.70
CA SER B 14 3.79 -40.67 3.53
C SER B 14 5.34 -40.62 3.44
N GLY B 15 6.04 -41.14 4.46
CA GLY B 15 7.50 -41.20 4.46
C GLY B 15 8.25 -40.65 5.66
N CYS B 16 7.57 -39.88 6.55
CA CYS B 16 8.20 -39.28 7.73
C CYS B 16 8.57 -40.36 8.76
N GLU B 17 9.79 -40.27 9.32
CA GLU B 17 10.29 -41.26 10.29
C GLU B 17 10.81 -40.63 11.61
N ILE B 18 10.87 -39.29 11.70
CA ILE B 18 11.35 -38.61 12.91
C ILE B 18 10.28 -38.68 14.02
N THR B 19 10.70 -39.14 15.21
CA THR B 19 9.86 -39.30 16.41
C THR B 19 10.18 -38.21 17.42
N LEU B 20 9.14 -37.60 18.02
CA LEU B 20 9.27 -36.51 18.98
C LEU B 20 8.20 -36.61 20.09
N PRO B 21 8.40 -36.00 21.30
CA PRO B 21 7.35 -36.08 22.34
C PRO B 21 6.12 -35.22 22.00
N HIS B 22 4.98 -35.46 22.69
CA HIS B 22 3.69 -34.79 22.51
C HIS B 22 3.79 -33.25 22.50
N THR B 23 4.72 -32.67 23.28
CA THR B 23 4.95 -31.23 23.39
C THR B 23 5.49 -30.63 22.08
N GLU B 24 6.45 -31.33 21.43
CA GLU B 24 7.08 -30.89 20.18
C GLU B 24 6.39 -31.45 18.93
N LYS B 25 5.57 -32.53 19.08
CA LYS B 25 4.85 -33.21 18.01
C LYS B 25 3.96 -32.28 17.18
N ALA B 26 3.20 -31.38 17.85
CA ALA B 26 2.29 -30.43 17.20
C ALA B 26 3.04 -29.36 16.40
N ASP B 27 4.18 -28.88 16.92
CA ASP B 27 5.01 -27.85 16.29
C ASP B 27 5.70 -28.35 15.03
N HIS B 28 6.14 -29.63 15.03
CA HIS B 28 6.81 -30.27 13.91
C HIS B 28 5.85 -30.54 12.73
N GLU B 29 4.62 -30.99 13.03
CA GLU B 29 3.59 -31.33 12.05
C GLU B 29 3.10 -30.13 11.21
N GLU B 30 3.23 -28.90 11.73
CA GLU B 30 2.83 -27.68 11.02
C GLU B 30 3.90 -27.22 10.01
N LEU B 31 5.14 -27.77 10.13
CA LEU B 31 6.28 -27.43 9.26
C LEU B 31 6.85 -28.65 8.50
N CYS B 32 6.39 -29.89 8.82
CA CYS B 32 6.84 -31.16 8.22
C CYS B 32 6.70 -31.12 6.70
N GLU B 33 7.80 -31.48 6.00
CA GLU B 33 7.90 -31.49 4.53
C GLU B 33 7.29 -32.76 3.90
N PHE B 34 6.92 -33.76 4.74
CA PHE B 34 6.31 -35.02 4.28
C PHE B 34 4.76 -34.93 4.26
N ARG B 35 4.21 -33.74 4.58
CA ARG B 35 2.78 -33.44 4.59
C ARG B 35 2.26 -33.36 3.13
N PRO B 36 1.14 -34.05 2.78
CA PRO B 36 0.63 -33.99 1.39
C PRO B 36 0.17 -32.57 1.02
N TYR B 37 0.65 -32.08 -0.14
CA TYR B 37 0.39 -30.75 -0.69
C TYR B 37 -1.06 -30.59 -1.15
N SER B 38 -1.76 -29.56 -0.62
CA SER B 38 -3.14 -29.21 -0.98
C SER B 38 -3.13 -28.46 -2.31
N CYS B 39 -4.29 -28.38 -3.00
CA CYS B 39 -4.43 -27.66 -4.27
C CYS B 39 -4.14 -26.16 -4.06
N PRO B 40 -3.19 -25.54 -4.81
CA PRO B 40 -2.86 -24.13 -4.57
C PRO B 40 -3.87 -23.13 -5.14
N CYS B 41 -4.75 -23.59 -6.06
CA CYS B 41 -5.78 -22.81 -6.73
C CYS B 41 -6.75 -22.16 -5.72
N PRO B 42 -7.10 -20.85 -5.86
CA PRO B 42 -8.04 -20.21 -4.90
C PRO B 42 -9.43 -20.85 -4.92
N GLY B 43 -9.98 -21.06 -3.73
CA GLY B 43 -11.29 -21.67 -3.53
C GLY B 43 -11.24 -23.01 -2.81
N ALA B 44 -12.38 -23.42 -2.24
CA ALA B 44 -12.52 -24.68 -1.50
C ALA B 44 -13.09 -25.80 -2.38
N SER B 45 -13.36 -25.51 -3.68
CA SER B 45 -13.92 -26.44 -4.67
C SER B 45 -13.05 -27.67 -4.93
N CYS B 46 -11.71 -27.49 -5.03
CA CYS B 46 -10.78 -28.60 -5.29
C CYS B 46 -10.29 -29.22 -3.98
N LYS B 47 -10.68 -30.48 -3.74
CA LYS B 47 -10.32 -31.24 -2.54
C LYS B 47 -9.12 -32.17 -2.80
N TRP B 48 -8.33 -31.86 -3.85
CA TRP B 48 -7.14 -32.63 -4.23
C TRP B 48 -5.98 -32.34 -3.29
N GLN B 49 -5.23 -33.39 -2.97
CA GLN B 49 -4.02 -33.33 -2.15
C GLN B 49 -3.08 -34.47 -2.54
N GLY B 50 -1.88 -34.10 -2.96
CA GLY B 50 -0.86 -35.04 -3.39
C GLY B 50 0.55 -34.58 -3.11
N SER B 51 1.52 -35.08 -3.90
CA SER B 51 2.94 -34.74 -3.77
C SER B 51 3.28 -33.47 -4.54
N LEU B 52 4.39 -32.78 -4.16
CA LEU B 52 4.87 -31.54 -4.79
C LEU B 52 5.15 -31.75 -6.28
N ASP B 53 5.74 -32.91 -6.65
CA ASP B 53 6.07 -33.29 -8.02
C ASP B 53 4.81 -33.46 -8.88
N ALA B 54 3.67 -33.79 -8.25
CA ALA B 54 2.39 -34.01 -8.89
C ALA B 54 1.48 -32.75 -8.86
N VAL B 55 1.96 -31.61 -8.30
CA VAL B 55 1.19 -30.36 -8.21
C VAL B 55 1.04 -29.72 -9.60
N MET B 56 2.17 -29.46 -10.30
CA MET B 56 2.18 -28.85 -11.63
C MET B 56 1.36 -29.68 -12.65
N PRO B 57 1.51 -31.04 -12.77
CA PRO B 57 0.66 -31.77 -13.72
C PRO B 57 -0.84 -31.71 -13.40
N HIS B 58 -1.20 -31.58 -12.10
CA HIS B 58 -2.59 -31.47 -11.64
C HIS B 58 -3.20 -30.14 -12.12
N LEU B 59 -2.41 -29.05 -12.07
CA LEU B 59 -2.83 -27.73 -12.52
C LEU B 59 -2.89 -27.69 -14.05
N MET B 60 -2.04 -28.49 -14.72
CA MET B 60 -1.98 -28.57 -16.18
C MET B 60 -3.15 -29.39 -16.77
N HIS B 61 -3.79 -30.28 -15.98
CA HIS B 61 -4.88 -31.12 -16.45
C HIS B 61 -6.26 -30.73 -15.90
N GLN B 62 -6.39 -30.61 -14.55
CA GLN B 62 -7.66 -30.30 -13.88
C GLN B 62 -8.00 -28.79 -13.86
N HIS B 63 -6.98 -27.93 -13.92
CA HIS B 63 -7.17 -26.48 -13.87
C HIS B 63 -6.55 -25.81 -15.12
N LYS B 64 -6.89 -26.33 -16.32
CA LYS B 64 -6.41 -25.87 -17.62
C LYS B 64 -6.70 -24.38 -17.89
N SER B 65 -7.73 -23.82 -17.21
CA SER B 65 -8.17 -22.42 -17.31
C SER B 65 -7.07 -21.44 -16.89
N ILE B 66 -6.24 -21.83 -15.90
CA ILE B 66 -5.12 -21.01 -15.40
C ILE B 66 -4.00 -21.05 -16.43
N THR B 67 -3.67 -19.88 -17.00
CA THR B 67 -2.62 -19.75 -18.01
C THR B 67 -1.28 -19.43 -17.35
N THR B 68 -0.17 -19.71 -18.07
CA THR B 68 1.18 -19.46 -17.58
C THR B 68 1.90 -18.49 -18.53
N LEU B 69 2.61 -17.50 -17.96
CA LEU B 69 3.38 -16.51 -18.72
C LEU B 69 4.86 -16.67 -18.39
N GLN B 70 5.69 -16.77 -19.44
CA GLN B 70 7.13 -16.91 -19.34
C GLN B 70 7.78 -15.54 -19.29
N GLY B 71 8.59 -15.32 -18.28
CA GLY B 71 9.30 -14.06 -18.05
C GLY B 71 9.39 -13.71 -16.58
N GLU B 72 10.50 -13.07 -16.17
CA GLU B 72 10.69 -12.66 -14.79
C GLU B 72 10.09 -11.26 -14.51
N ASP B 73 9.68 -10.53 -15.59
CA ASP B 73 9.04 -9.21 -15.50
C ASP B 73 7.83 -9.17 -16.44
N ILE B 74 6.64 -9.48 -15.88
CA ILE B 74 5.39 -9.59 -16.63
C ILE B 74 4.29 -8.63 -16.11
N VAL B 75 3.14 -8.55 -16.83
CA VAL B 75 1.97 -7.76 -16.46
C VAL B 75 0.78 -8.69 -16.22
N PHE B 76 0.34 -8.76 -14.96
CA PHE B 76 -0.83 -9.53 -14.53
C PHE B 76 -2.02 -8.57 -14.64
N LEU B 77 -2.80 -8.69 -15.75
CA LEU B 77 -3.94 -7.81 -15.99
C LEU B 77 -5.23 -8.50 -15.55
N ALA B 78 -5.71 -8.13 -14.36
CA ALA B 78 -6.94 -8.65 -13.78
C ALA B 78 -8.14 -7.82 -14.30
N THR B 79 -9.01 -8.49 -15.07
CA THR B 79 -10.17 -7.84 -15.68
C THR B 79 -11.36 -7.84 -14.71
N ASP B 80 -12.27 -6.83 -14.87
CA ASP B 80 -13.53 -6.63 -14.14
C ASP B 80 -13.32 -6.63 -12.61
N ILE B 81 -12.45 -5.74 -12.12
CA ILE B 81 -12.13 -5.60 -10.69
C ILE B 81 -13.32 -5.07 -9.86
N ASN B 82 -14.23 -4.30 -10.49
CA ASN B 82 -15.40 -3.71 -9.82
C ASN B 82 -16.61 -4.66 -9.70
N LEU B 83 -16.42 -5.97 -10.00
CA LEU B 83 -17.45 -7.00 -9.90
C LEU B 83 -17.82 -7.24 -8.41
N PRO B 84 -19.12 -7.20 -8.04
CA PRO B 84 -19.49 -7.36 -6.61
C PRO B 84 -19.23 -8.77 -6.03
N GLY B 85 -19.08 -8.81 -4.71
CA GLY B 85 -18.86 -10.04 -3.94
C GLY B 85 -17.42 -10.46 -3.78
N ALA B 86 -17.22 -11.77 -3.52
CA ALA B 86 -15.92 -12.40 -3.35
C ALA B 86 -15.42 -12.87 -4.71
N VAL B 87 -14.45 -12.13 -5.29
CA VAL B 87 -13.91 -12.41 -6.61
C VAL B 87 -12.43 -12.77 -6.53
N ASP B 88 -12.00 -13.80 -7.31
CA ASP B 88 -10.63 -14.30 -7.37
C ASP B 88 -10.03 -14.20 -8.77
N TRP B 89 -8.70 -13.99 -8.84
CA TRP B 89 -7.92 -13.93 -10.09
C TRP B 89 -6.65 -14.75 -9.90
N VAL B 90 -6.38 -15.70 -10.80
CA VAL B 90 -5.22 -16.57 -10.65
C VAL B 90 -4.52 -16.85 -12.00
N MET B 91 -3.20 -16.64 -12.01
CA MET B 91 -2.35 -16.92 -13.17
C MET B 91 -1.01 -17.49 -12.68
N MET B 92 -0.11 -17.84 -13.61
CA MET B 92 1.18 -18.37 -13.21
C MET B 92 2.33 -17.68 -13.94
N GLN B 93 3.43 -17.46 -13.22
CA GLN B 93 4.66 -16.86 -13.72
C GLN B 93 5.76 -17.95 -13.75
N SER B 94 6.35 -18.17 -14.94
CA SER B 94 7.37 -19.18 -15.19
C SER B 94 8.75 -18.53 -15.41
N CYS B 95 9.65 -18.65 -14.42
CA CYS B 95 11.02 -18.11 -14.45
C CYS B 95 11.92 -18.83 -13.45
N PHE B 96 13.26 -18.79 -13.70
CA PHE B 96 14.34 -19.40 -12.89
C PHE B 96 14.14 -20.91 -12.64
N GLY B 97 13.50 -21.60 -13.60
CA GLY B 97 13.22 -23.02 -13.51
C GLY B 97 12.15 -23.37 -12.48
N PHE B 98 11.30 -22.39 -12.15
CA PHE B 98 10.22 -22.54 -11.18
C PHE B 98 8.92 -21.89 -11.68
N HIS B 99 7.80 -22.33 -11.10
CA HIS B 99 6.48 -21.79 -11.41
C HIS B 99 5.95 -21.08 -10.18
N PHE B 100 5.47 -19.85 -10.36
CA PHE B 100 4.93 -19.04 -9.28
C PHE B 100 3.46 -18.76 -9.54
N MET B 101 2.63 -18.94 -8.53
CA MET B 101 1.21 -18.67 -8.62
C MET B 101 0.96 -17.20 -8.21
N LEU B 102 0.37 -16.42 -9.13
CA LEU B 102 0.03 -15.02 -8.90
C LEU B 102 -1.45 -14.97 -8.60
N VAL B 103 -1.83 -14.45 -7.42
CA VAL B 103 -3.23 -14.41 -6.99
C VAL B 103 -3.63 -12.99 -6.57
N LEU B 104 -4.85 -12.58 -6.97
CA LEU B 104 -5.54 -11.36 -6.55
C LEU B 104 -6.88 -11.83 -5.98
N GLU B 105 -7.21 -11.38 -4.77
CA GLU B 105 -8.44 -11.76 -4.08
C GLU B 105 -9.23 -10.53 -3.62
N LYS B 106 -10.53 -10.51 -3.90
CA LYS B 106 -11.43 -9.43 -3.47
C LYS B 106 -12.30 -9.95 -2.32
N GLN B 107 -12.18 -9.33 -1.13
CA GLN B 107 -12.94 -9.72 0.07
C GLN B 107 -13.99 -8.68 0.44
N GLU B 108 -15.06 -9.12 1.13
CA GLU B 108 -16.12 -8.24 1.61
C GLU B 108 -16.62 -8.79 2.94
N LYS B 109 -15.80 -8.62 3.98
CA LYS B 109 -16.08 -9.06 5.35
C LYS B 109 -17.18 -8.18 5.96
N TYR B 110 -17.17 -6.88 5.62
CA TYR B 110 -18.17 -5.90 6.05
C TYR B 110 -18.94 -5.44 4.81
N ASP B 111 -20.28 -5.35 4.92
CA ASP B 111 -21.17 -4.96 3.82
C ASP B 111 -20.87 -3.52 3.35
N GLY B 112 -20.61 -3.39 2.05
CA GLY B 112 -20.31 -2.11 1.41
C GLY B 112 -18.83 -1.73 1.41
N HIS B 113 -17.99 -2.53 2.09
CA HIS B 113 -16.54 -2.31 2.20
C HIS B 113 -15.77 -3.51 1.62
N GLN B 114 -15.14 -3.29 0.46
CA GLN B 114 -14.37 -4.33 -0.24
C GLN B 114 -12.89 -4.04 -0.17
N GLN B 115 -12.08 -5.11 -0.02
CA GLN B 115 -10.63 -5.06 0.09
C GLN B 115 -9.98 -6.05 -0.87
N PHE B 116 -8.88 -5.62 -1.50
CA PHE B 116 -8.08 -6.42 -2.43
C PHE B 116 -6.78 -6.88 -1.80
N PHE B 117 -6.36 -8.12 -2.11
CA PHE B 117 -5.14 -8.74 -1.60
C PHE B 117 -4.40 -9.37 -2.76
N ALA B 118 -3.18 -8.88 -3.06
CA ALA B 118 -2.36 -9.39 -4.16
C ALA B 118 -1.10 -10.00 -3.57
N ILE B 119 -0.81 -11.27 -3.95
CA ILE B 119 0.32 -12.03 -3.41
C ILE B 119 0.82 -13.11 -4.40
N VAL B 120 2.12 -13.43 -4.31
CA VAL B 120 2.81 -14.43 -5.13
C VAL B 120 3.17 -15.64 -4.23
N GLN B 121 3.06 -16.86 -4.79
CA GLN B 121 3.31 -18.13 -4.13
C GLN B 121 4.22 -18.97 -5.01
N LEU B 122 5.11 -19.77 -4.40
CA LEU B 122 6.00 -20.66 -5.15
C LEU B 122 5.49 -22.09 -5.14
N ILE B 123 5.45 -22.74 -6.31
CA ILE B 123 5.11 -24.16 -6.42
C ILE B 123 6.43 -24.90 -6.13
N GLY B 124 6.76 -24.93 -4.85
CA GLY B 124 7.99 -25.51 -4.29
C GLY B 124 7.95 -25.48 -2.78
N THR B 125 9.04 -25.95 -2.15
CA THR B 125 9.18 -26.03 -0.68
C THR B 125 9.39 -24.65 -0.03
N ARG B 126 9.38 -24.62 1.32
CA ARG B 126 9.58 -23.43 2.15
C ARG B 126 11.02 -22.90 2.00
N LYS B 127 12.01 -23.82 1.91
CA LYS B 127 13.44 -23.48 1.78
C LYS B 127 13.74 -22.88 0.40
N GLN B 128 13.13 -23.43 -0.67
CA GLN B 128 13.30 -22.95 -2.05
C GLN B 128 12.73 -21.52 -2.21
N ALA B 129 11.60 -21.23 -1.55
CA ALA B 129 10.92 -19.92 -1.55
C ALA B 129 11.78 -18.80 -0.94
N GLU B 130 12.62 -19.15 0.05
CA GLU B 130 13.53 -18.24 0.75
C GLU B 130 14.63 -17.67 -0.18
N ASN B 131 14.82 -18.29 -1.36
CA ASN B 131 15.83 -17.90 -2.34
C ASN B 131 15.27 -16.89 -3.36
N PHE B 132 13.99 -16.51 -3.22
CA PHE B 132 13.33 -15.58 -4.13
C PHE B 132 12.79 -14.33 -3.43
N ALA B 133 12.52 -13.29 -4.24
CA ALA B 133 11.96 -12.01 -3.84
C ALA B 133 11.08 -11.49 -4.99
N TYR B 134 9.80 -11.25 -4.71
CA TYR B 134 8.86 -10.76 -5.72
C TYR B 134 8.46 -9.31 -5.44
N ARG B 135 8.02 -8.60 -6.50
CA ARG B 135 7.56 -7.21 -6.46
C ARG B 135 6.20 -7.06 -7.15
N LEU B 136 5.30 -6.28 -6.54
CA LEU B 136 3.97 -5.98 -7.09
C LEU B 136 3.86 -4.47 -7.21
N GLU B 137 3.68 -3.99 -8.44
CA GLU B 137 3.65 -2.56 -8.72
C GLU B 137 2.42 -2.17 -9.51
N LEU B 138 1.66 -1.19 -8.98
CA LEU B 138 0.47 -0.62 -9.61
C LEU B 138 0.90 0.77 -10.05
N ASN B 139 0.86 1.05 -11.36
N ASN B 139 0.83 1.04 -11.35
CA ASN B 139 1.26 2.35 -11.90
CA ASN B 139 1.22 2.32 -11.96
C ASN B 139 0.05 3.13 -12.41
C ASN B 139 0.00 3.12 -12.39
N GLY B 140 -0.09 4.36 -11.91
CA GLY B 140 -1.17 5.28 -12.26
C GLY B 140 -0.68 6.61 -12.80
N HIS B 141 -1.55 7.63 -12.77
CA HIS B 141 -1.25 8.98 -13.25
C HIS B 141 -0.51 9.75 -12.17
N ARG B 142 0.84 9.79 -12.27
CA ARG B 142 1.79 10.41 -11.34
C ARG B 142 1.66 9.74 -9.94
N ARG B 143 1.34 8.44 -9.95
CA ARG B 143 1.11 7.59 -8.78
C ARG B 143 1.68 6.20 -9.00
N ARG B 144 2.19 5.60 -7.93
CA ARG B 144 2.81 4.27 -7.96
C ARG B 144 2.74 3.66 -6.56
N LEU B 145 2.18 2.44 -6.47
CA LEU B 145 2.05 1.68 -5.23
C LEU B 145 2.81 0.37 -5.39
N THR B 146 3.78 0.14 -4.51
CA THR B 146 4.63 -1.04 -4.58
C THR B 146 4.59 -1.87 -3.29
N TRP B 147 4.71 -3.20 -3.44
CA TRP B 147 4.83 -4.19 -2.39
C TRP B 147 5.95 -5.14 -2.78
N GLU B 148 6.94 -5.31 -1.90
CA GLU B 148 8.10 -6.19 -2.09
C GLU B 148 8.18 -7.14 -0.91
N ALA B 149 8.30 -8.45 -1.19
CA ALA B 149 8.40 -9.49 -0.17
C ALA B 149 8.97 -10.82 -0.71
N THR B 150 9.04 -11.83 0.17
CA THR B 150 9.50 -13.17 -0.14
C THR B 150 8.24 -13.97 -0.51
N PRO B 151 8.22 -14.73 -1.62
CA PRO B 151 7.01 -15.53 -1.94
C PRO B 151 6.76 -16.61 -0.90
N ARG B 152 5.50 -16.98 -0.70
CA ARG B 152 5.15 -18.03 0.23
C ARG B 152 5.28 -19.38 -0.48
N SER B 153 5.40 -20.46 0.27
CA SER B 153 5.45 -21.80 -0.31
C SER B 153 3.98 -22.26 -0.38
N ILE B 154 3.60 -23.00 -1.43
CA ILE B 154 2.22 -23.51 -1.56
C ILE B 154 1.90 -24.50 -0.41
N HIS B 155 2.94 -24.91 0.36
CA HIS B 155 2.87 -25.76 1.54
C HIS B 155 2.36 -24.92 2.71
N GLU B 156 2.87 -23.68 2.84
CA GLU B 156 2.51 -22.69 3.86
C GLU B 156 1.12 -22.10 3.56
N GLY B 157 0.83 -21.89 2.27
CA GLY B 157 -0.43 -21.30 1.82
C GLY B 157 -0.38 -19.78 1.84
N ILE B 158 -1.51 -19.14 1.52
CA ILE B 158 -1.59 -17.68 1.52
C ILE B 158 -2.71 -17.18 2.42
N ALA B 159 -3.59 -18.10 2.90
CA ALA B 159 -4.72 -17.81 3.80
C ALA B 159 -4.28 -17.03 5.04
N THR B 160 -3.18 -17.45 5.69
CA THR B 160 -2.61 -16.83 6.88
C THR B 160 -1.97 -15.47 6.54
N ALA B 161 -1.37 -15.35 5.34
CA ALA B 161 -0.71 -14.12 4.88
C ALA B 161 -1.73 -13.01 4.60
N ILE B 162 -2.89 -13.37 3.98
CA ILE B 162 -4.00 -12.47 3.68
C ILE B 162 -4.60 -11.95 4.99
N MET B 163 -4.84 -12.88 5.94
CA MET B 163 -5.38 -12.65 7.29
C MET B 163 -4.58 -11.59 8.05
N ASN B 164 -3.24 -11.67 7.98
CA ASN B 164 -2.30 -10.77 8.64
C ASN B 164 -1.95 -9.54 7.78
N SER B 165 -2.55 -9.42 6.56
CA SER B 165 -2.33 -8.36 5.57
C SER B 165 -0.84 -8.27 5.17
N ASP B 166 -0.20 -9.46 5.12
CA ASP B 166 1.21 -9.67 4.79
C ASP B 166 1.35 -9.92 3.27
N CYS B 167 0.84 -8.96 2.48
CA CYS B 167 0.79 -8.91 1.02
C CYS B 167 0.42 -7.48 0.59
N LEU B 168 0.16 -7.27 -0.73
CA LEU B 168 -0.29 -5.95 -1.22
C LEU B 168 -1.77 -5.84 -0.90
N VAL B 169 -2.15 -4.80 -0.12
CA VAL B 169 -3.52 -4.56 0.35
C VAL B 169 -3.97 -3.16 -0.08
N PHE B 170 -5.16 -3.08 -0.71
CA PHE B 170 -5.79 -1.84 -1.17
C PHE B 170 -7.31 -2.01 -1.23
N ASP B 171 -8.05 -0.91 -1.05
CA ASP B 171 -9.52 -0.98 -1.12
C ASP B 171 -10.01 -0.55 -2.51
N THR B 172 -11.34 -0.44 -2.68
CA THR B 172 -11.98 -0.07 -3.95
C THR B 172 -11.53 1.33 -4.41
N SER B 173 -11.45 2.32 -3.48
CA SER B 173 -11.00 3.70 -3.73
C SER B 173 -9.61 3.74 -4.39
N ILE B 174 -8.61 3.02 -3.80
CA ILE B 174 -7.23 2.94 -4.28
C ILE B 174 -7.21 2.29 -5.68
N ALA B 175 -7.91 1.14 -5.87
CA ALA B 175 -8.02 0.41 -7.14
C ALA B 175 -8.44 1.30 -8.32
N GLN B 176 -9.38 2.25 -8.09
CA GLN B 176 -9.90 3.18 -9.08
C GLN B 176 -8.82 4.14 -9.61
N LEU B 177 -7.90 4.55 -8.73
CA LEU B 177 -6.79 5.45 -9.06
C LEU B 177 -5.78 4.81 -10.03
N PHE B 178 -5.75 3.47 -10.10
CA PHE B 178 -4.81 2.74 -10.95
C PHE B 178 -5.51 1.98 -12.09
N ALA B 179 -6.83 1.72 -11.95
CA ALA B 179 -7.62 0.99 -12.96
C ALA B 179 -7.72 1.71 -14.30
N GLU B 180 -7.78 0.90 -15.38
CA GLU B 180 -7.95 1.34 -16.76
C GLU B 180 -8.94 0.42 -17.47
N ASN B 181 -10.09 0.98 -17.89
CA ASN B 181 -11.21 0.30 -18.58
C ASN B 181 -11.81 -0.84 -17.72
N GLY B 182 -11.92 -0.59 -16.41
CA GLY B 182 -12.45 -1.55 -15.44
C GLY B 182 -11.53 -2.72 -15.16
N ASN B 183 -10.25 -2.60 -15.58
CA ASN B 183 -9.23 -3.62 -15.40
C ASN B 183 -8.09 -3.07 -14.54
N LEU B 184 -7.30 -3.97 -13.92
CA LEU B 184 -6.16 -3.55 -13.11
C LEU B 184 -4.88 -4.26 -13.56
N GLY B 185 -3.88 -3.43 -13.90
CA GLY B 185 -2.57 -3.88 -14.32
C GLY B 185 -1.62 -3.98 -13.14
N ILE B 186 -1.21 -5.20 -12.83
CA ILE B 186 -0.29 -5.49 -11.74
C ILE B 186 1.02 -5.94 -12.38
N ASN B 187 2.08 -5.13 -12.27
CA ASN B 187 3.38 -5.52 -12.80
C ASN B 187 4.01 -6.45 -11.77
N VAL B 188 4.40 -7.67 -12.21
CA VAL B 188 5.01 -8.63 -11.30
C VAL B 188 6.45 -8.90 -11.74
N THR B 189 7.39 -8.51 -10.88
CA THR B 189 8.82 -8.73 -11.08
C THR B 189 9.28 -9.74 -10.04
N ILE B 190 9.81 -10.88 -10.52
CA ILE B 190 10.35 -11.93 -9.63
C ILE B 190 11.86 -11.93 -9.77
N SER B 191 12.56 -11.88 -8.62
CA SER B 191 14.03 -11.88 -8.55
C SER B 191 14.54 -13.04 -7.69
N MET B 192 15.75 -13.52 -8.02
CA MET B 192 16.41 -14.60 -7.28
C MET B 192 17.44 -13.96 -6.35
N CYS B 193 17.22 -14.07 -5.02
CA CYS B 193 18.12 -13.49 -4.02
C CYS B 193 18.98 -14.58 -3.33
N PRO C 2 23.09 6.60 6.53
CA PRO C 2 23.04 7.23 7.85
C PRO C 2 22.03 8.37 7.90
N LYS C 3 20.86 8.16 7.27
CA LYS C 3 19.73 9.11 7.14
C LYS C 3 19.19 9.59 8.50
N PRO C 4 18.96 10.93 8.66
CA PRO C 4 18.45 11.45 9.95
C PRO C 4 17.05 10.96 10.28
N THR C 5 16.87 10.55 11.55
CA THR C 5 15.63 10.01 12.10
C THR C 5 15.06 11.00 13.11
N CYS C 6 13.73 11.18 13.08
CA CYS C 6 13.01 12.05 14.01
C CYS C 6 11.93 11.22 14.72
N MET C 7 12.03 11.13 16.06
CA MET C 7 11.02 10.44 16.88
C MET C 7 9.88 11.44 17.03
N VAL C 8 8.78 11.21 16.28
CA VAL C 8 7.65 12.13 16.29
C VAL C 8 6.59 11.63 17.28
N PRO C 9 6.31 12.42 18.35
CA PRO C 9 5.28 11.99 19.29
C PRO C 9 3.87 12.33 18.78
N PRO C 10 2.81 11.60 19.19
CA PRO C 10 1.45 11.95 18.72
C PRO C 10 1.07 13.38 19.12
N MET C 11 0.43 14.12 18.20
CA MET C 11 0.00 15.50 18.36
C MET C 11 -0.87 15.71 19.61
N PRO C 12 -0.63 16.78 20.43
CA PRO C 12 -1.45 16.99 21.63
C PRO C 12 -2.81 17.62 21.30
N LYS D 3 6.75 -5.53 -22.80
CA LYS D 3 6.49 -6.14 -21.50
C LYS D 3 5.36 -7.18 -21.62
N PRO D 4 5.63 -8.49 -21.34
CA PRO D 4 4.58 -9.52 -21.49
C PRO D 4 3.38 -9.28 -20.58
N THR D 5 2.17 -9.44 -21.14
CA THR D 5 0.90 -9.22 -20.45
C THR D 5 -0.01 -10.45 -20.63
N CYS D 6 -0.81 -10.75 -19.60
CA CYS D 6 -1.78 -11.85 -19.59
C CYS D 6 -3.09 -11.36 -19.02
N MET D 7 -4.16 -11.35 -19.85
CA MET D 7 -5.51 -10.94 -19.45
C MET D 7 -6.11 -12.06 -18.64
N VAL D 8 -6.33 -11.82 -17.34
CA VAL D 8 -6.86 -12.82 -16.43
C VAL D 8 -8.34 -12.54 -16.16
N PRO D 9 -9.22 -13.52 -16.47
CA PRO D 9 -10.66 -13.30 -16.23
C PRO D 9 -11.06 -13.57 -14.76
N PRO D 10 -12.10 -12.86 -14.24
CA PRO D 10 -12.51 -13.11 -12.85
C PRO D 10 -13.13 -14.49 -12.66
N MET D 11 -12.56 -15.27 -11.71
CA MET D 11 -12.97 -16.64 -11.37
C MET D 11 -14.39 -16.69 -10.79
N PRO D 12 -15.22 -17.69 -11.18
CA PRO D 12 -16.59 -17.78 -10.63
C PRO D 12 -16.64 -18.62 -9.34
ZN ZN E . -2.22 26.44 13.04
ZN ZN F . -9.28 35.36 -8.30
ZN ZN G . -7.05 -28.69 -8.22
ZN ZN H . 6.69 -35.43 10.17
#